data_4Z4J
#
_entry.id   4Z4J
#
_cell.length_a   55.687
_cell.length_b   75.773
_cell.length_c   91.171
_cell.angle_alpha   90.000
_cell.angle_beta   90.000
_cell.angle_gamma   90.000
#
_symmetry.space_group_name_H-M   'P 21 21 21'
#
loop_
_entity.id
_entity.type
_entity.pdbx_description
1 polymer 'Cellobiose 2-epimerase'
2 non-polymer 'ISOPROPYL ALCOHOL'
3 non-polymer 1,2-ETHANEDIOL
4 water water
#
_entity_poly.entity_id   1
_entity_poly.type   'polypeptide(L)'
_entity_poly.pdbx_seq_one_letter_code
;SMTGGQQMGRGSMDITRFKEDLKAHLEEKIIPFWQSLKDDEFGGYYGYMDFNLNIDRKAQKGCILNSRILWFFSACYNVL
KSEKCKEMAFHAFEFLKNKFWDKEYEGLFWSVSHKGVPVDVTKHVYVQAFGIYGLSEYYEASGDEEALHMAKRLFEILET
KCKRENGYTEQFERNWQEKENRFLSENGVIASKTMNTHLHVLESYTNLYRLLKLDDVYEALEWIVRLFVDKIYKKGTGHF
KVFCDDNWNELIKAVSYGHDIEASWLLDQAAKYLKDEKLKEEVEKLALEVAQITLKEAFDGQSLINEMIEDRIDRSKIWW
VEAETVVGFFNAYQKTKEEKYLDAAIKTWEFIKEHLVDRRKNSEWLWKVNEDLEAVNMPIVEQWKCPYHNGRMCLEIIKR
VD
;
_entity_poly.pdbx_strand_id   A
#
loop_
_chem_comp.id
_chem_comp.type
_chem_comp.name
_chem_comp.formula
EDO non-polymer 1,2-ETHANEDIOL 'C2 H6 O2'
IPA non-polymer 'ISOPROPYL ALCOHOL' 'C3 H8 O'
#
# COMPACT_ATOMS: atom_id res chain seq x y z
N GLY A 11 7.16 -24.58 -8.58
CA GLY A 11 6.86 -23.72 -9.72
C GLY A 11 6.34 -24.53 -10.89
N SER A 12 6.25 -23.88 -12.06
CA SER A 12 5.73 -24.55 -13.25
C SER A 12 6.00 -23.68 -14.47
N MET A 13 5.74 -24.22 -15.64
CA MET A 13 5.85 -23.44 -16.87
C MET A 13 4.97 -22.19 -16.83
N ASP A 14 3.73 -22.37 -16.41
CA ASP A 14 2.80 -21.25 -16.34
C ASP A 14 3.30 -20.16 -15.39
N ILE A 15 3.87 -20.59 -14.26
CA ILE A 15 4.32 -19.65 -13.24
C ILE A 15 5.56 -18.92 -13.75
N THR A 16 6.47 -19.64 -14.38
CA THR A 16 7.64 -19.02 -14.97
C THR A 16 7.27 -17.97 -16.02
N ARG A 17 6.34 -18.30 -16.90
CA ARG A 17 5.88 -17.36 -17.93
CA ARG A 17 5.93 -17.33 -17.92
C ARG A 17 5.16 -16.16 -17.32
N PHE A 18 4.41 -16.40 -16.25
CA PHE A 18 3.71 -15.35 -15.50
C PHE A 18 4.73 -14.34 -14.97
N LYS A 19 5.77 -14.84 -14.34
CA LYS A 19 6.83 -13.98 -13.82
C LYS A 19 7.50 -13.19 -14.94
N GLU A 20 7.82 -13.87 -16.04
CA GLU A 20 8.48 -13.21 -17.16
C GLU A 20 7.60 -12.09 -17.73
N ASP A 21 6.29 -12.34 -17.80
CA ASP A 21 5.33 -11.36 -18.31
CA ASP A 21 5.38 -11.34 -18.34
C ASP A 21 5.29 -10.11 -17.43
N LEU A 22 5.26 -10.34 -16.12
CA LEU A 22 5.17 -9.23 -15.18
C LEU A 22 6.47 -8.44 -15.15
N LYS A 23 7.60 -9.12 -15.26
CA LYS A 23 8.87 -8.42 -15.26
C LYS A 23 8.99 -7.52 -16.49
N ALA A 24 8.58 -8.04 -17.64
CA ALA A 24 8.59 -7.26 -18.88
C ALA A 24 7.69 -6.05 -18.76
N HIS A 25 6.52 -6.24 -18.16
CA HIS A 25 5.54 -5.17 -17.99
C HIS A 25 6.11 -4.07 -17.10
N LEU A 26 6.72 -4.48 -15.98
CA LEU A 26 7.35 -3.53 -15.07
C LEU A 26 8.44 -2.71 -15.78
N GLU A 27 9.31 -3.40 -16.52
CA GLU A 27 10.43 -2.72 -17.16
C GLU A 27 10.04 -1.87 -18.37
N GLU A 28 9.05 -2.32 -19.13
CA GLU A 28 8.74 -1.67 -20.40
C GLU A 28 7.60 -0.65 -20.29
N LYS A 29 6.72 -0.83 -19.32
CA LYS A 29 5.56 0.05 -19.18
C LYS A 29 5.60 0.93 -17.94
N ILE A 30 5.67 0.29 -16.77
CA ILE A 30 5.50 1.02 -15.51
C ILE A 30 6.70 1.90 -15.17
N ILE A 31 7.91 1.35 -15.21
CA ILE A 31 9.09 2.14 -14.87
C ILE A 31 9.27 3.37 -15.79
N PRO A 32 9.22 3.20 -17.12
CA PRO A 32 9.41 4.39 -17.97
C PRO A 32 8.31 5.46 -17.80
N PHE A 33 7.09 5.02 -17.50
CA PHE A 33 6.03 5.99 -17.30
C PHE A 33 6.33 6.86 -16.09
N TRP A 34 6.69 6.25 -14.95
CA TRP A 34 6.86 7.06 -13.76
C TRP A 34 8.13 7.89 -13.86
N GLN A 35 9.12 7.43 -14.60
CA GLN A 35 10.32 8.24 -14.83
C GLN A 35 9.94 9.55 -15.53
N SER A 36 8.90 9.50 -16.36
CA SER A 36 8.50 10.69 -17.13
C SER A 36 7.76 11.73 -16.28
N LEU A 37 7.47 11.39 -15.04
CA LEU A 37 6.77 12.31 -14.11
C LEU A 37 7.76 13.12 -13.27
N LYS A 38 9.05 12.89 -13.46
CA LYS A 38 10.08 13.60 -12.70
C LYS A 38 9.97 15.12 -12.92
N ASP A 39 9.88 15.87 -11.82
CA ASP A 39 9.79 17.33 -11.86
C ASP A 39 11.19 17.91 -11.65
N ASP A 40 11.80 18.35 -12.74
CA ASP A 40 13.15 18.89 -12.69
C ASP A 40 13.15 20.39 -12.42
N GLU A 41 11.98 21.00 -12.37
CA GLU A 41 11.90 22.43 -12.09
C GLU A 41 11.96 22.70 -10.61
N PHE A 42 11.17 21.94 -9.84
CA PHE A 42 11.03 22.24 -8.42
C PHE A 42 11.36 21.06 -7.53
N GLY A 43 11.66 19.92 -8.14
CA GLY A 43 11.94 18.72 -7.37
C GLY A 43 10.75 17.80 -7.28
N GLY A 44 11.01 16.56 -6.87
CA GLY A 44 9.96 15.57 -6.74
C GLY A 44 9.35 15.18 -8.07
N TYR A 45 8.08 14.82 -8.03
CA TYR A 45 7.36 14.28 -9.18
C TYR A 45 6.06 15.07 -9.37
N TYR A 46 5.63 15.29 -10.61
CA TYR A 46 4.41 16.08 -10.82
C TYR A 46 3.23 15.38 -10.17
N GLY A 47 2.26 16.17 -9.70
CA GLY A 47 1.26 15.64 -8.81
C GLY A 47 -0.02 15.11 -9.43
N TYR A 48 -0.20 15.30 -10.73
CA TYR A 48 -1.47 14.96 -11.36
C TYR A 48 -1.32 14.76 -12.85
N MET A 49 -1.97 13.73 -13.38
CA MET A 49 -2.13 13.56 -14.82
C MET A 49 -3.56 13.15 -15.08
N ASP A 50 -4.28 13.87 -15.94
CA ASP A 50 -5.70 13.56 -16.11
C ASP A 50 -5.92 12.37 -17.05
N PHE A 51 -7.18 12.03 -17.26
CA PHE A 51 -7.58 10.88 -18.06
C PHE A 51 -7.14 11.01 -19.50
N ASN A 52 -6.96 12.24 -19.96
CA ASN A 52 -6.51 12.46 -21.34
C ASN A 52 -5.02 12.66 -21.43
N LEU A 53 -4.34 12.26 -20.35
CA LEU A 53 -2.88 12.13 -20.28
C LEU A 53 -2.16 13.46 -20.22
N ASN A 54 -2.87 14.50 -19.81
CA ASN A 54 -2.28 15.80 -19.58
C ASN A 54 -1.73 15.96 -18.17
N ILE A 55 -0.44 16.23 -18.06
CA ILE A 55 0.18 16.52 -16.77
C ILE A 55 -0.15 17.94 -16.33
N ASP A 56 -0.58 18.08 -15.07
CA ASP A 56 -0.71 19.41 -14.50
C ASP A 56 0.54 19.65 -13.66
N ARG A 57 1.50 20.38 -14.21
CA ARG A 57 2.77 20.55 -13.52
C ARG A 57 2.60 21.34 -12.23
N LYS A 58 1.57 22.18 -12.17
CA LYS A 58 1.35 23.00 -10.99
C LYS A 58 0.43 22.35 -9.93
N ALA A 59 0.13 21.06 -10.11
CA ALA A 59 -0.69 20.36 -9.13
C ALA A 59 0.00 20.28 -7.77
N GLN A 60 -0.80 20.33 -6.72
CA GLN A 60 -0.27 20.08 -5.39
C GLN A 60 0.30 18.68 -5.31
N LYS A 61 1.33 18.52 -4.48
CA LYS A 61 2.05 17.27 -4.35
C LYS A 61 1.75 16.61 -3.01
N GLY A 62 1.14 15.42 -3.06
CA GLY A 62 0.83 14.67 -1.87
C GLY A 62 2.07 13.97 -1.34
N CYS A 63 2.21 13.94 -0.02
CA CYS A 63 3.35 13.28 0.58
C CYS A 63 3.31 11.77 0.38
N ILE A 64 2.13 11.18 0.48
CA ILE A 64 2.02 9.73 0.32
C ILE A 64 2.44 9.34 -1.10
N LEU A 65 2.03 10.12 -2.09
CA LEU A 65 2.44 9.83 -3.47
C LEU A 65 3.96 9.89 -3.60
N ASN A 66 4.59 10.91 -3.02
CA ASN A 66 6.04 10.98 -3.11
C ASN A 66 6.74 9.82 -2.42
N SER A 67 6.25 9.43 -1.24
CA SER A 67 6.84 8.31 -0.51
C SER A 67 6.63 7.01 -1.24
N ARG A 68 5.49 6.89 -1.93
CA ARG A 68 5.23 5.68 -2.72
C ARG A 68 6.14 5.59 -3.92
N ILE A 69 6.44 6.74 -4.54
CA ILE A 69 7.38 6.79 -5.64
C ILE A 69 8.78 6.48 -5.13
N LEU A 70 9.12 7.00 -3.96
CA LEU A 70 10.40 6.69 -3.32
C LEU A 70 10.53 5.18 -3.06
N TRP A 71 9.49 4.59 -2.47
CA TRP A 71 9.52 3.16 -2.22
C TRP A 71 9.68 2.41 -3.54
N PHE A 72 8.87 2.77 -4.53
CA PHE A 72 8.86 2.05 -5.79
C PHE A 72 10.21 2.05 -6.49
N PHE A 73 10.82 3.21 -6.67
CA PHE A 73 12.10 3.21 -7.37
C PHE A 73 13.21 2.56 -6.54
N SER A 74 13.14 2.69 -5.22
CA SER A 74 14.12 2.03 -4.35
C SER A 74 13.98 0.53 -4.48
N ALA A 75 12.74 0.06 -4.47
CA ALA A 75 12.46 -1.37 -4.58
C ALA A 75 12.89 -1.91 -5.94
N CYS A 76 12.67 -1.12 -6.99
CA CYS A 76 13.12 -1.52 -8.31
C CYS A 76 14.63 -1.69 -8.34
N TYR A 77 15.35 -0.78 -7.68
CA TYR A 77 16.79 -0.96 -7.59
C TYR A 77 17.13 -2.20 -6.79
N ASN A 78 16.47 -2.37 -5.65
CA ASN A 78 16.82 -3.50 -4.78
C ASN A 78 16.60 -4.85 -5.44
N VAL A 79 15.59 -4.94 -6.30
CA VAL A 79 15.28 -6.21 -6.95
C VAL A 79 15.98 -6.34 -8.30
N LEU A 80 15.92 -5.29 -9.12
CA LEU A 80 16.44 -5.36 -10.50
C LEU A 80 17.84 -4.77 -10.70
N LYS A 81 18.33 -4.02 -9.73
CA LYS A 81 19.62 -3.34 -9.79
C LYS A 81 19.74 -2.35 -10.94
N SER A 82 18.64 -1.66 -11.24
CA SER A 82 18.65 -0.60 -12.22
C SER A 82 19.22 0.68 -11.63
N GLU A 83 20.37 1.13 -12.14
CA GLU A 83 21.01 2.34 -11.61
C GLU A 83 20.15 3.58 -11.84
N LYS A 84 19.45 3.63 -12.97
CA LYS A 84 18.53 4.72 -13.25
C LYS A 84 17.43 4.81 -12.22
N CYS A 85 16.89 3.67 -11.80
CA CYS A 85 15.87 3.66 -10.76
C CYS A 85 16.41 4.21 -9.44
N LYS A 86 17.65 3.87 -9.10
CA LYS A 86 18.26 4.42 -7.89
C LYS A 86 18.35 5.95 -7.97
N GLU A 87 18.67 6.47 -9.15
CA GLU A 87 18.72 7.91 -9.35
CA GLU A 87 18.72 7.91 -9.35
C GLU A 87 17.34 8.54 -9.21
N MET A 88 16.31 7.83 -9.67
CA MET A 88 14.94 8.33 -9.56
C MET A 88 14.48 8.31 -8.09
N ALA A 89 14.93 7.31 -7.36
CA ALA A 89 14.66 7.23 -5.92
C ALA A 89 15.32 8.41 -5.18
N PHE A 90 16.58 8.67 -5.50
CA PHE A 90 17.30 9.80 -4.93
C PHE A 90 16.53 11.11 -5.11
N HIS A 91 15.95 11.29 -6.29
CA HIS A 91 15.17 12.48 -6.58
C HIS A 91 13.96 12.61 -5.64
N ALA A 92 13.24 11.50 -5.44
CA ALA A 92 12.12 11.48 -4.51
C ALA A 92 12.60 11.71 -3.08
N PHE A 93 13.73 11.10 -2.71
CA PHE A 93 14.27 11.25 -1.37
C PHE A 93 14.62 12.72 -1.08
N GLU A 94 15.27 13.36 -2.04
CA GLU A 94 15.61 14.78 -1.91
C GLU A 94 14.36 15.62 -1.62
N PHE A 95 13.27 15.37 -2.33
CA PHE A 95 12.08 16.18 -2.15
C PHE A 95 11.44 15.87 -0.80
N LEU A 96 11.48 14.61 -0.39
CA LEU A 96 10.96 14.25 0.93
C LEU A 96 11.73 15.03 2.01
N LYS A 97 13.06 14.93 1.96
CA LYS A 97 13.93 15.53 2.96
C LYS A 97 13.82 17.05 2.97
N ASN A 98 13.74 17.66 1.79
CA ASN A 98 13.80 19.10 1.68
C ASN A 98 12.46 19.82 1.87
N LYS A 99 11.37 19.16 1.49
CA LYS A 99 10.07 19.83 1.46
C LYS A 99 9.00 19.18 2.33
N PHE A 100 8.97 17.85 2.41
CA PHE A 100 7.95 17.21 3.20
C PHE A 100 8.35 17.03 4.66
N TRP A 101 9.65 16.92 4.94
CA TRP A 101 10.10 16.79 6.32
C TRP A 101 10.00 18.10 7.09
N ASP A 102 9.37 18.05 8.25
CA ASP A 102 9.18 19.23 9.09
C ASP A 102 10.43 19.45 9.96
N LYS A 103 11.26 20.42 9.59
CA LYS A 103 12.49 20.65 10.34
C LYS A 103 12.26 21.08 11.78
N GLU A 104 11.15 21.76 12.03
CA GLU A 104 10.88 22.29 13.36
C GLU A 104 10.26 21.28 14.32
N TYR A 105 9.26 20.55 13.84
CA TYR A 105 8.50 19.68 14.72
C TYR A 105 8.67 18.20 14.39
N GLU A 106 9.40 17.93 13.30
CA GLU A 106 9.72 16.59 12.79
C GLU A 106 8.50 15.86 12.23
N GLY A 107 8.74 14.77 11.53
CA GLY A 107 7.66 14.09 10.82
C GLY A 107 7.37 14.74 9.48
N LEU A 108 6.38 14.20 8.78
CA LEU A 108 6.08 14.55 7.40
C LEU A 108 4.77 15.29 7.22
N PHE A 109 4.81 16.42 6.51
CA PHE A 109 3.60 17.17 6.13
C PHE A 109 2.67 16.32 5.27
N TRP A 110 1.39 16.69 5.25
CA TRP A 110 0.41 15.99 4.43
C TRP A 110 0.57 16.32 2.95
N SER A 111 0.75 17.60 2.65
CA SER A 111 0.87 18.01 1.24
C SER A 111 1.59 19.33 1.11
N VAL A 112 2.21 19.54 -0.05
CA VAL A 112 2.87 20.79 -0.35
C VAL A 112 2.48 21.24 -1.75
N SER A 113 2.78 22.49 -2.08
CA SER A 113 2.49 22.97 -3.42
C SER A 113 3.51 22.39 -4.40
N HIS A 114 3.30 22.62 -5.69
CA HIS A 114 4.24 22.09 -6.67
C HIS A 114 5.66 22.63 -6.45
N LYS A 115 5.76 23.79 -5.80
CA LYS A 115 7.06 24.40 -5.48
C LYS A 115 7.60 23.96 -4.13
N GLY A 116 6.80 23.22 -3.36
CA GLY A 116 7.23 22.75 -2.05
C GLY A 116 6.74 23.58 -0.88
N VAL A 117 5.87 24.55 -1.13
CA VAL A 117 5.32 25.35 -0.04
C VAL A 117 4.28 24.53 0.71
N PRO A 118 4.35 24.52 2.06
CA PRO A 118 3.40 23.66 2.77
C PRO A 118 1.95 24.07 2.53
N VAL A 119 1.14 23.10 2.15
CA VAL A 119 -0.29 23.30 1.90
C VAL A 119 -1.09 22.82 3.11
N ASP A 120 -0.74 21.64 3.59
CA ASP A 120 -1.37 21.06 4.77
C ASP A 120 -0.26 20.50 5.66
N VAL A 121 -0.04 21.17 6.78
CA VAL A 121 1.05 20.78 7.69
C VAL A 121 0.65 19.83 8.80
N THR A 122 -0.61 19.39 8.80
CA THR A 122 -1.02 18.44 9.84
C THR A 122 -0.28 17.13 9.64
N LYS A 123 -0.20 16.36 10.71
CA LYS A 123 0.57 15.13 10.74
C LYS A 123 -0.36 13.94 10.85
N HIS A 124 -0.39 13.11 9.82
CA HIS A 124 -1.25 11.93 9.82
C HIS A 124 -0.41 10.66 9.88
N VAL A 125 -0.86 9.70 10.70
CA VAL A 125 -0.13 8.45 10.88
C VAL A 125 0.03 7.70 9.54
N TYR A 126 -0.97 7.81 8.67
CA TYR A 126 -0.92 7.18 7.35
CA TYR A 126 -0.94 7.20 7.34
C TYR A 126 0.28 7.70 6.57
N VAL A 127 0.49 9.01 6.63
CA VAL A 127 1.62 9.64 5.98
C VAL A 127 2.95 9.25 6.61
N GLN A 128 3.01 9.23 7.95
CA GLN A 128 4.25 8.86 8.62
C GLN A 128 4.64 7.41 8.29
N ALA A 129 3.64 6.53 8.25
CA ALA A 129 3.90 5.11 7.91
C ALA A 129 4.51 4.95 6.52
N PHE A 130 3.93 5.60 5.52
CA PHE A 130 4.49 5.48 4.17
C PHE A 130 5.87 6.10 4.10
N GLY A 131 6.13 7.11 4.94
CA GLY A 131 7.48 7.63 5.08
C GLY A 131 8.46 6.58 5.55
N ILE A 132 8.10 5.84 6.58
CA ILE A 132 8.97 4.77 7.06
C ILE A 132 9.20 3.72 5.98
N TYR A 133 8.12 3.37 5.27
CA TYR A 133 8.19 2.34 4.25
C TYR A 133 9.15 2.75 3.14
N GLY A 134 8.99 3.97 2.64
CA GLY A 134 9.86 4.45 1.57
C GLY A 134 11.29 4.70 2.00
N LEU A 135 11.47 5.33 3.17
CA LEU A 135 12.80 5.65 3.64
C LEU A 135 13.59 4.39 3.97
N SER A 136 12.94 3.39 4.53
CA SER A 136 13.67 2.16 4.86
C SER A 136 14.09 1.47 3.56
N GLU A 137 13.22 1.42 2.58
CA GLU A 137 13.57 0.82 1.29
C GLU A 137 14.70 1.60 0.62
N TYR A 138 14.66 2.92 0.74
CA TYR A 138 15.71 3.75 0.15
C TYR A 138 17.05 3.56 0.89
N TYR A 139 16.99 3.36 2.20
CA TYR A 139 18.21 3.08 2.96
C TYR A 139 18.84 1.78 2.46
N GLU A 140 18.02 0.77 2.18
CA GLU A 140 18.55 -0.49 1.65
C GLU A 140 19.25 -0.25 0.30
N ALA A 141 18.63 0.58 -0.53
CA ALA A 141 19.14 0.88 -1.87
C ALA A 141 20.42 1.72 -1.85
N SER A 142 20.50 2.66 -0.92
CA SER A 142 21.54 3.69 -0.98
C SER A 142 22.58 3.66 0.14
N GLY A 143 22.23 3.06 1.28
CA GLY A 143 23.06 3.11 2.46
C GLY A 143 23.08 4.48 3.12
N ASP A 144 22.18 5.38 2.71
CA ASP A 144 22.15 6.73 3.25
C ASP A 144 21.68 6.74 4.70
N GLU A 145 22.59 7.05 5.61
CA GLU A 145 22.32 7.05 7.04
CA GLU A 145 22.29 7.02 7.03
C GLU A 145 21.25 8.07 7.42
N GLU A 146 21.13 9.13 6.64
CA GLU A 146 20.15 10.17 6.89
C GLU A 146 18.74 9.61 6.71
N ALA A 147 18.59 8.73 5.71
CA ALA A 147 17.30 8.12 5.45
C ALA A 147 16.93 7.20 6.62
N LEU A 148 17.93 6.47 7.09
CA LEU A 148 17.79 5.62 8.26
C LEU A 148 17.34 6.40 9.49
N HIS A 149 18.02 7.53 9.74
CA HIS A 149 17.72 8.38 10.88
C HIS A 149 16.27 8.86 10.84
N MET A 150 15.84 9.33 9.69
CA MET A 150 14.47 9.84 9.55
CA MET A 150 14.48 9.84 9.56
C MET A 150 13.45 8.72 9.73
N ALA A 151 13.72 7.54 9.18
CA ALA A 151 12.81 6.42 9.38
C ALA A 151 12.70 6.04 10.86
N LYS A 152 13.84 6.02 11.56
CA LYS A 152 13.85 5.71 12.99
C LYS A 152 13.12 6.75 13.82
N ARG A 153 13.29 8.02 13.45
CA ARG A 153 12.64 9.11 14.15
CA ARG A 153 12.62 9.12 14.13
C ARG A 153 11.11 9.04 13.97
N LEU A 154 10.67 8.74 12.75
CA LEU A 154 9.24 8.54 12.49
C LEU A 154 8.68 7.42 13.35
N PHE A 155 9.41 6.29 13.42
CA PHE A 155 9.01 5.19 14.30
C PHE A 155 8.87 5.66 15.75
N GLU A 156 9.89 6.35 16.25
CA GLU A 156 9.89 6.83 17.64
C GLU A 156 8.70 7.77 17.91
N ILE A 157 8.41 8.64 16.97
CA ILE A 157 7.30 9.59 17.13
C ILE A 157 5.96 8.85 17.15
N LEU A 158 5.77 7.89 16.26
CA LEU A 158 4.54 7.12 16.25
C LEU A 158 4.35 6.39 17.58
N GLU A 159 5.41 5.80 18.10
CA GLU A 159 5.29 4.98 19.29
C GLU A 159 5.13 5.82 20.57
N THR A 160 5.74 7.00 20.60
CA THR A 160 5.77 7.79 21.82
C THR A 160 4.76 8.94 21.85
N LYS A 161 4.27 9.36 20.69
CA LYS A 161 3.31 10.46 20.63
C LYS A 161 1.92 10.06 20.12
N CYS A 162 1.86 9.03 19.28
CA CYS A 162 0.62 8.73 18.57
C CYS A 162 -0.11 7.47 19.07
N LYS A 163 0.63 6.59 19.73
CA LYS A 163 0.08 5.29 20.09
C LYS A 163 -0.75 5.37 21.37
N ARG A 164 -1.88 4.65 21.38
CA ARG A 164 -2.71 4.53 22.56
C ARG A 164 -3.02 3.05 22.78
N GLU A 165 -3.79 2.74 23.83
CA GLU A 165 -4.01 1.37 24.24
C GLU A 165 -4.65 0.51 23.15
N ASN A 166 -5.51 1.10 22.32
CA ASN A 166 -6.22 0.32 21.31
C ASN A 166 -5.84 0.67 19.88
N GLY A 167 -4.67 1.28 19.72
CA GLY A 167 -4.19 1.60 18.39
C GLY A 167 -3.71 3.02 18.34
N TYR A 168 -3.47 3.52 17.13
CA TYR A 168 -2.93 4.86 16.97
C TYR A 168 -4.04 5.89 16.84
N THR A 169 -3.91 7.01 17.54
CA THR A 169 -4.69 8.17 17.18
C THR A 169 -4.12 8.61 15.84
N GLU A 170 -4.97 8.98 14.88
CA GLU A 170 -4.48 9.00 13.49
C GLU A 170 -4.10 10.39 12.97
N GLN A 171 -4.68 11.45 13.52
CA GLN A 171 -4.46 12.80 13.01
CA GLN A 171 -4.35 12.78 13.00
C GLN A 171 -3.97 13.75 14.11
N PHE A 172 -2.97 14.58 13.80
CA PHE A 172 -2.40 15.53 14.76
C PHE A 172 -2.18 16.87 14.10
N GLU A 173 -2.18 17.92 14.91
CA GLU A 173 -1.68 19.21 14.46
C GLU A 173 -0.21 19.09 14.10
N ARG A 174 0.32 20.11 13.45
CA ARG A 174 1.74 20.11 13.08
C ARG A 174 2.66 19.81 14.28
N ASN A 175 2.32 20.31 15.46
CA ASN A 175 3.16 20.15 16.65
C ASN A 175 2.82 18.92 17.50
N TRP A 176 2.05 18.00 16.92
CA TRP A 176 1.70 16.69 17.46
C TRP A 176 0.62 16.74 18.54
N GLN A 177 -0.07 17.87 18.68
CA GLN A 177 -1.27 17.91 19.48
CA GLN A 177 -1.29 17.92 19.47
C GLN A 177 -2.36 17.13 18.74
N GLU A 178 -3.03 16.21 19.44
CA GLU A 178 -3.97 15.36 18.72
C GLU A 178 -5.21 16.12 18.29
N LYS A 179 -5.81 15.69 17.19
CA LYS A 179 -7.12 16.20 16.83
CA LYS A 179 -7.09 16.22 16.77
C LYS A 179 -7.98 15.11 16.24
N GLU A 180 -9.19 15.48 15.80
CA GLU A 180 -10.10 14.52 15.22
C GLU A 180 -9.59 14.06 13.86
N ASN A 181 -9.97 12.85 13.45
CA ASN A 181 -9.45 12.28 12.21
C ASN A 181 -10.09 12.95 11.00
N ARG A 182 -9.50 12.74 9.83
CA ARG A 182 -9.97 13.39 8.61
C ARG A 182 -10.73 12.45 7.68
N PHE A 183 -10.75 11.16 8.00
CA PHE A 183 -11.42 10.19 7.14
C PHE A 183 -12.86 10.02 7.60
N LEU A 184 -13.80 10.02 6.65
CA LEU A 184 -15.22 10.01 6.95
C LEU A 184 -15.94 8.77 6.41
N SER A 185 -16.97 8.35 7.11
CA SER A 185 -17.89 7.36 6.57
C SER A 185 -18.66 7.93 5.40
N GLU A 186 -19.42 7.08 4.72
CA GLU A 186 -20.20 7.49 3.55
CA GLU A 186 -20.19 7.51 3.56
C GLU A 186 -21.31 8.49 3.93
N ASN A 187 -21.61 8.59 5.23
CA ASN A 187 -22.61 9.54 5.71
C ASN A 187 -21.97 10.76 6.37
N GLY A 188 -20.65 10.83 6.33
CA GLY A 188 -19.93 12.01 6.78
C GLY A 188 -19.49 12.02 8.24
N VAL A 189 -19.56 10.86 8.89
CA VAL A 189 -19.18 10.72 10.30
C VAL A 189 -17.69 10.40 10.38
N ILE A 190 -16.97 11.08 11.28
CA ILE A 190 -15.53 10.89 11.38
C ILE A 190 -15.20 9.50 11.93
N ALA A 191 -14.28 8.81 11.25
CA ALA A 191 -13.83 7.51 11.72
C ALA A 191 -12.55 7.67 12.51
N SER A 192 -12.59 7.37 13.81
CA SER A 192 -11.42 7.57 14.64
C SER A 192 -10.38 6.47 14.50
N LYS A 193 -10.82 5.29 14.06
CA LYS A 193 -9.90 4.19 13.81
C LYS A 193 -10.17 3.65 12.42
N THR A 194 -9.14 3.57 11.59
CA THR A 194 -9.34 3.03 10.25
C THR A 194 -8.38 1.87 10.01
N MET A 195 -8.90 0.81 9.40
CA MET A 195 -8.07 -0.35 9.09
C MET A 195 -6.90 0.05 8.20
N ASN A 196 -7.18 0.89 7.20
CA ASN A 196 -6.16 1.27 6.22
CA ASN A 196 -6.18 1.30 6.22
C ASN A 196 -4.95 1.93 6.86
N THR A 197 -5.17 2.87 7.77
CA THR A 197 -4.04 3.52 8.43
C THR A 197 -3.22 2.48 9.18
N HIS A 198 -3.91 1.60 9.90
CA HIS A 198 -3.20 0.62 10.72
C HIS A 198 -2.51 -0.44 9.86
N LEU A 199 -3.07 -0.76 8.71
CA LEU A 199 -2.43 -1.70 7.79
C LEU A 199 -1.09 -1.18 7.29
N HIS A 200 -1.04 0.11 7.01
CA HIS A 200 0.21 0.65 6.47
C HIS A 200 1.25 0.89 7.58
N VAL A 201 0.81 1.07 8.83
CA VAL A 201 1.75 0.97 9.95
C VAL A 201 2.39 -0.44 9.98
N LEU A 202 1.55 -1.47 9.92
CA LEU A 202 2.04 -2.85 9.91
CA LEU A 202 2.02 -2.86 9.90
C LEU A 202 3.04 -3.09 8.78
N GLU A 203 2.67 -2.66 7.57
CA GLU A 203 3.52 -2.78 6.39
C GLU A 203 4.87 -2.10 6.58
N SER A 204 4.85 -0.88 7.09
CA SER A 204 6.08 -0.13 7.24
C SER A 204 6.97 -0.71 8.35
N TYR A 205 6.35 -1.18 9.44
CA TYR A 205 7.13 -1.76 10.53
C TYR A 205 7.77 -3.08 10.11
N THR A 206 7.09 -3.81 9.22
CA THR A 206 7.66 -5.06 8.70
C THR A 206 8.91 -4.75 7.90
N ASN A 207 8.85 -3.73 7.05
CA ASN A 207 10.01 -3.36 6.24
C ASN A 207 11.14 -2.83 7.12
N LEU A 208 10.79 -2.05 8.14
CA LEU A 208 11.80 -1.50 9.03
C LEU A 208 12.49 -2.62 9.80
N TYR A 209 11.72 -3.57 10.31
CA TYR A 209 12.32 -4.69 11.07
C TYR A 209 13.16 -5.58 10.16
N ARG A 210 12.69 -5.83 8.96
CA ARG A 210 13.45 -6.61 7.99
C ARG A 210 14.87 -6.08 7.84
N LEU A 211 15.01 -4.76 7.89
CA LEU A 211 16.30 -4.13 7.61
C LEU A 211 17.08 -3.81 8.87
N LEU A 212 16.32 -3.44 9.91
N LEU A 212 16.43 -3.59 10.01
CA LEU A 212 16.83 -3.12 11.24
CA LEU A 212 17.18 -3.17 11.18
C LEU A 212 16.15 -3.96 12.29
C LEU A 212 17.32 -4.19 12.31
N LYS A 213 16.50 -5.23 12.31
CA LYS A 213 16.30 -6.14 13.45
C LYS A 213 16.53 -5.53 14.85
N LEU A 214 15.79 -4.47 15.20
CA LEU A 214 15.86 -3.88 16.54
C LEU A 214 14.70 -4.36 17.41
N ASP A 215 14.98 -4.63 18.68
CA ASP A 215 13.96 -5.19 19.58
C ASP A 215 12.74 -4.28 19.77
N ASP A 216 12.96 -2.96 19.85
CA ASP A 216 11.85 -2.02 19.96
C ASP A 216 10.92 -2.13 18.74
N VAL A 217 11.52 -2.29 17.57
CA VAL A 217 10.73 -2.40 16.35
C VAL A 217 10.03 -3.75 16.33
N TYR A 218 10.72 -4.82 16.75
CA TYR A 218 10.05 -6.11 16.80
C TYR A 218 8.80 -6.05 17.67
N GLU A 219 8.92 -5.48 18.86
CA GLU A 219 7.80 -5.46 19.80
C GLU A 219 6.61 -4.70 19.24
N ALA A 220 6.90 -3.65 18.49
CA ALA A 220 5.84 -2.86 17.89
C ALA A 220 5.21 -3.58 16.73
N LEU A 221 6.03 -4.34 16.00
CA LEU A 221 5.49 -5.15 14.92
C LEU A 221 4.53 -6.20 15.49
N GLU A 222 4.95 -6.90 16.54
CA GLU A 222 4.09 -7.93 17.11
C GLU A 222 2.80 -7.31 17.65
N TRP A 223 2.93 -6.12 18.23
CA TRP A 223 1.77 -5.44 18.81
C TRP A 223 0.73 -5.13 17.74
N ILE A 224 1.16 -4.59 16.61
CA ILE A 224 0.19 -4.23 15.58
C ILE A 224 -0.37 -5.49 14.91
N VAL A 225 0.44 -6.54 14.76
CA VAL A 225 -0.11 -7.80 14.27
C VAL A 225 -1.22 -8.31 15.22
N ARG A 226 -0.96 -8.27 16.53
CA ARG A 226 -1.96 -8.72 17.50
C ARG A 226 -3.23 -7.87 17.44
N LEU A 227 -3.07 -6.58 17.18
CA LEU A 227 -4.23 -5.70 17.04
C LEU A 227 -5.12 -6.16 15.89
N PHE A 228 -4.50 -6.56 14.78
CA PHE A 228 -5.25 -7.06 13.65
C PHE A 228 -5.98 -8.35 14.00
N VAL A 229 -5.31 -9.25 14.69
CA VAL A 229 -5.94 -10.51 15.09
C VAL A 229 -7.10 -10.31 16.08
N ASP A 230 -6.89 -9.45 17.08
CA ASP A 230 -7.80 -9.35 18.22
C ASP A 230 -8.91 -8.32 18.09
N LYS A 231 -8.68 -7.28 17.30
CA LYS A 231 -9.61 -6.17 17.22
C LYS A 231 -10.13 -5.85 15.81
N ILE A 232 -9.27 -5.96 14.80
CA ILE A 232 -9.66 -5.48 13.48
C ILE A 232 -10.33 -6.56 12.63
N TYR A 233 -9.89 -7.81 12.78
CA TYR A 233 -10.48 -8.92 12.03
C TYR A 233 -11.84 -9.33 12.58
N LYS A 234 -12.79 -9.59 11.69
CA LYS A 234 -14.07 -10.14 12.10
C LYS A 234 -14.01 -11.66 12.00
N LYS A 235 -13.89 -12.31 13.16
CA LYS A 235 -13.49 -13.73 13.24
C LYS A 235 -14.40 -14.65 12.41
N GLY A 236 -13.76 -15.49 11.58
CA GLY A 236 -14.46 -16.48 10.78
C GLY A 236 -15.12 -15.98 9.51
N THR A 237 -15.09 -14.66 9.30
CA THR A 237 -15.81 -14.07 8.18
C THR A 237 -14.93 -13.82 6.97
N GLY A 238 -13.61 -13.80 7.15
CA GLY A 238 -12.70 -13.49 6.08
C GLY A 238 -12.55 -12.00 5.81
N HIS A 239 -13.18 -11.19 6.66
CA HIS A 239 -13.21 -9.74 6.45
C HIS A 239 -12.73 -8.94 7.65
N PHE A 240 -12.12 -7.81 7.35
CA PHE A 240 -11.69 -6.88 8.37
C PHE A 240 -12.67 -5.73 8.48
N LYS A 241 -12.73 -5.12 9.65
CA LYS A 241 -13.44 -3.87 9.79
C LYS A 241 -12.81 -2.82 8.90
N VAL A 242 -13.59 -1.81 8.53
CA VAL A 242 -13.08 -0.76 7.64
C VAL A 242 -12.94 0.56 8.40
N PHE A 243 -14.05 1.26 8.63
CA PHE A 243 -14.05 2.54 9.36
C PHE A 243 -14.76 2.38 10.70
N CYS A 244 -14.11 2.79 11.78
CA CYS A 244 -14.60 2.51 13.14
C CYS A 244 -14.56 3.71 14.04
N ASP A 245 -15.21 3.58 15.20
CA ASP A 245 -15.09 4.58 16.24
C ASP A 245 -13.73 4.41 16.94
N ASP A 246 -13.57 5.05 18.09
CA ASP A 246 -12.26 5.03 18.74
C ASP A 246 -11.99 3.69 19.44
N ASN A 247 -12.98 2.81 19.43
CA ASN A 247 -12.87 1.52 20.12
C ASN A 247 -12.97 0.32 19.20
N TRP A 248 -12.76 0.56 17.90
CA TRP A 248 -12.87 -0.45 16.85
C TRP A 248 -14.27 -1.07 16.75
N ASN A 249 -15.29 -0.29 17.07
CA ASN A 249 -16.66 -0.67 16.72
C ASN A 249 -16.97 -0.09 15.35
N GLU A 250 -17.48 -0.91 14.43
CA GLU A 250 -17.70 -0.44 13.06
C GLU A 250 -18.73 0.67 13.02
N LEU A 251 -18.48 1.69 12.19
CA LEU A 251 -19.48 2.73 11.95
C LEU A 251 -20.60 2.17 11.08
N ILE A 252 -20.21 1.40 10.07
CA ILE A 252 -21.16 0.80 9.13
CA ILE A 252 -21.18 0.78 9.19
C ILE A 252 -20.76 -0.64 8.85
N LYS A 253 -21.74 -1.51 8.62
CA LYS A 253 -21.43 -2.85 8.15
CA LYS A 253 -21.45 -2.85 8.14
C LYS A 253 -20.82 -2.72 6.76
N ALA A 254 -19.51 -2.88 6.68
CA ALA A 254 -18.82 -2.67 5.42
C ALA A 254 -17.67 -3.62 5.27
N VAL A 255 -17.43 -4.02 4.03
CA VAL A 255 -16.29 -4.87 3.70
C VAL A 255 -15.57 -4.26 2.50
N SER A 256 -14.24 -4.20 2.57
CA SER A 256 -13.44 -3.72 1.48
C SER A 256 -12.60 -4.88 0.99
N TYR A 257 -12.97 -5.47 -0.13
CA TYR A 257 -12.34 -6.72 -0.53
C TYR A 257 -10.86 -6.55 -0.91
N GLY A 258 -10.50 -5.41 -1.49
CA GLY A 258 -9.11 -5.15 -1.80
C GLY A 258 -8.25 -5.04 -0.55
N HIS A 259 -8.77 -4.36 0.49
CA HIS A 259 -8.00 -4.26 1.71
C HIS A 259 -7.88 -5.61 2.40
N ASP A 260 -8.93 -6.44 2.32
CA ASP A 260 -8.87 -7.78 2.89
C ASP A 260 -7.74 -8.59 2.26
N ILE A 261 -7.70 -8.62 0.93
CA ILE A 261 -6.76 -9.52 0.28
C ILE A 261 -5.33 -8.95 0.39
N GLU A 262 -5.19 -7.64 0.43
CA GLU A 262 -3.89 -7.02 0.72
C GLU A 262 -3.43 -7.39 2.14
N ALA A 263 -4.34 -7.27 3.11
CA ALA A 263 -3.99 -7.62 4.49
C ALA A 263 -3.62 -9.07 4.64
N SER A 264 -4.26 -9.94 3.86
CA SER A 264 -3.96 -11.36 3.95
CA SER A 264 -3.96 -11.36 3.93
C SER A 264 -2.48 -11.61 3.70
N TRP A 265 -1.93 -11.05 2.63
CA TRP A 265 -0.54 -11.37 2.35
C TRP A 265 0.43 -10.52 3.16
N LEU A 266 0.02 -9.30 3.54
CA LEU A 266 0.89 -8.49 4.39
C LEU A 266 1.00 -9.09 5.79
N LEU A 267 -0.10 -9.65 6.29
CA LEU A 267 -0.05 -10.33 7.58
C LEU A 267 0.79 -11.61 7.53
N ASP A 268 0.63 -12.38 6.46
CA ASP A 268 1.42 -13.58 6.26
C ASP A 268 2.91 -13.22 6.19
N GLN A 269 3.22 -12.09 5.56
CA GLN A 269 4.60 -11.61 5.46
C GLN A 269 5.16 -11.23 6.84
N ALA A 270 4.40 -10.45 7.60
CA ALA A 270 4.80 -10.11 8.96
C ALA A 270 5.01 -11.36 9.82
N ALA A 271 4.18 -12.37 9.61
CA ALA A 271 4.22 -13.59 10.43
C ALA A 271 5.56 -14.29 10.35
N LYS A 272 6.28 -14.13 9.25
CA LYS A 272 7.57 -14.80 9.07
CA LYS A 272 7.57 -14.81 9.07
C LYS A 272 8.61 -14.31 10.07
N TYR A 273 8.36 -13.12 10.64
CA TYR A 273 9.29 -12.52 11.59
C TYR A 273 8.89 -12.76 13.05
N LEU A 274 7.71 -13.31 13.27
CA LEU A 274 7.18 -13.45 14.61
C LEU A 274 7.96 -14.48 15.42
N LYS A 275 8.28 -14.10 16.65
CA LYS A 275 9.05 -14.97 17.54
CA LYS A 275 9.05 -14.97 17.54
C LYS A 275 8.13 -15.84 18.40
N ASP A 276 6.84 -15.52 18.41
CA ASP A 276 5.83 -16.29 19.13
C ASP A 276 5.19 -17.29 18.17
N GLU A 277 5.50 -18.58 18.35
CA GLU A 277 5.03 -19.60 17.41
C GLU A 277 3.51 -19.75 17.42
N LYS A 278 2.90 -19.59 18.57
CA LYS A 278 1.45 -19.69 18.67
CA LYS A 278 1.44 -19.66 18.70
C LYS A 278 0.77 -18.54 17.91
N LEU A 279 1.27 -17.32 18.07
CA LEU A 279 0.74 -16.19 17.32
C LEU A 279 0.98 -16.38 15.83
N LYS A 280 2.18 -16.83 15.48
CA LYS A 280 2.52 -17.05 14.07
C LYS A 280 1.53 -18.02 13.42
N GLU A 281 1.19 -19.09 14.12
CA GLU A 281 0.26 -20.08 13.60
CA GLU A 281 0.26 -20.09 13.59
C GLU A 281 -1.12 -19.47 13.39
N GLU A 282 -1.56 -18.68 14.37
CA GLU A 282 -2.86 -18.01 14.29
C GLU A 282 -2.94 -17.02 13.13
N VAL A 283 -1.87 -16.25 12.93
CA VAL A 283 -1.85 -15.26 11.85
C VAL A 283 -1.85 -15.94 10.48
N GLU A 284 -1.11 -17.03 10.35
CA GLU A 284 -1.05 -17.75 9.09
C GLU A 284 -2.41 -18.35 8.76
N LYS A 285 -3.09 -18.86 9.78
CA LYS A 285 -4.43 -19.39 9.62
C LYS A 285 -5.42 -18.29 9.21
N LEU A 286 -5.31 -17.15 9.86
CA LEU A 286 -6.17 -16.01 9.55
C LEU A 286 -5.96 -15.60 8.10
N ALA A 287 -4.70 -15.46 7.70
CA ALA A 287 -4.41 -14.99 6.35
C ALA A 287 -5.02 -15.92 5.29
N LEU A 288 -4.97 -17.22 5.55
CA LEU A 288 -5.51 -18.19 4.60
C LEU A 288 -7.04 -18.16 4.59
N GLU A 289 -7.64 -17.97 5.76
CA GLU A 289 -9.08 -17.87 5.83
C GLU A 289 -9.56 -16.66 5.00
N VAL A 290 -8.84 -15.54 5.10
CA VAL A 290 -9.19 -14.36 4.30
C VAL A 290 -9.07 -14.65 2.80
N ALA A 291 -7.99 -15.30 2.39
CA ALA A 291 -7.82 -15.61 0.97
C ALA A 291 -8.93 -16.54 0.46
N GLN A 292 -9.28 -17.54 1.26
CA GLN A 292 -10.29 -18.52 0.90
CA GLN A 292 -10.29 -18.52 0.87
C GLN A 292 -11.64 -17.85 0.68
N ILE A 293 -12.02 -17.01 1.64
CA ILE A 293 -13.31 -16.35 1.60
C ILE A 293 -13.35 -15.26 0.54
N THR A 294 -12.23 -14.57 0.33
CA THR A 294 -12.15 -13.56 -0.74
C THR A 294 -12.39 -14.22 -2.09
N LEU A 295 -11.73 -15.36 -2.32
CA LEU A 295 -11.93 -16.11 -3.55
C LEU A 295 -13.38 -16.50 -3.73
N LYS A 296 -13.99 -16.99 -2.65
CA LYS A 296 -15.36 -17.47 -2.72
C LYS A 296 -16.37 -16.35 -2.95
N GLU A 297 -16.17 -15.22 -2.28
CA GLU A 297 -17.18 -14.17 -2.26
C GLU A 297 -16.98 -13.03 -3.24
N ALA A 298 -15.73 -12.73 -3.58
CA ALA A 298 -15.43 -11.49 -4.29
C ALA A 298 -14.80 -11.69 -5.66
N PHE A 299 -14.30 -12.90 -5.94
CA PHE A 299 -13.73 -13.20 -7.25
C PHE A 299 -14.84 -13.71 -8.16
N ASP A 300 -15.05 -13.03 -9.28
CA ASP A 300 -16.20 -13.33 -10.12
C ASP A 300 -15.87 -14.24 -11.29
N GLY A 301 -14.67 -14.80 -11.29
CA GLY A 301 -14.23 -15.64 -12.38
C GLY A 301 -13.15 -15.00 -13.22
N GLN A 302 -13.07 -13.67 -13.20
CA GLN A 302 -12.01 -12.99 -13.94
C GLN A 302 -11.29 -11.92 -13.13
N SER A 303 -11.98 -11.30 -12.17
CA SER A 303 -11.36 -10.27 -11.35
C SER A 303 -12.09 -10.10 -10.03
N LEU A 304 -11.60 -9.22 -9.17
CA LEU A 304 -12.17 -8.97 -7.86
C LEU A 304 -13.06 -7.74 -7.85
N ILE A 305 -14.22 -7.83 -7.21
CA ILE A 305 -15.04 -6.65 -7.00
C ILE A 305 -14.46 -5.79 -5.87
N ASN A 306 -15.05 -4.62 -5.65
CA ASN A 306 -14.44 -3.61 -4.80
C ASN A 306 -14.87 -3.68 -3.34
N GLU A 307 -16.15 -3.46 -3.07
CA GLU A 307 -16.57 -3.39 -1.68
C GLU A 307 -18.07 -3.63 -1.56
N MET A 308 -18.52 -3.87 -0.33
CA MET A 308 -19.93 -3.99 -0.06
C MET A 308 -20.20 -3.18 1.19
N ILE A 309 -21.13 -2.24 1.09
CA ILE A 309 -21.49 -1.42 2.23
C ILE A 309 -22.93 -1.76 2.53
N GLU A 310 -23.17 -2.29 3.73
CA GLU A 310 -24.41 -2.96 4.08
C GLU A 310 -24.71 -4.04 3.04
N ASP A 311 -25.73 -3.86 2.23
CA ASP A 311 -26.04 -4.85 1.21
C ASP A 311 -25.78 -4.30 -0.19
N ARG A 312 -25.15 -3.14 -0.27
CA ARG A 312 -24.88 -2.49 -1.55
C ARG A 312 -23.48 -2.83 -2.04
N ILE A 313 -23.41 -3.51 -3.19
CA ILE A 313 -22.16 -4.01 -3.72
C ILE A 313 -21.63 -3.13 -4.84
N ASP A 314 -20.37 -2.71 -4.72
CA ASP A 314 -19.68 -2.01 -5.80
C ASP A 314 -18.84 -3.02 -6.58
N ARG A 315 -19.25 -3.28 -7.83
CA ARG A 315 -18.58 -4.25 -8.67
C ARG A 315 -17.63 -3.58 -9.67
N SER A 316 -17.30 -2.32 -9.43
CA SER A 316 -16.24 -1.68 -10.21
C SER A 316 -14.94 -2.43 -10.02
N LYS A 317 -14.10 -2.36 -11.05
CA LYS A 317 -12.79 -3.01 -10.99
CA LYS A 317 -12.79 -3.01 -11.03
C LYS A 317 -11.71 -1.94 -10.91
N ILE A 318 -11.16 -1.81 -9.72
CA ILE A 318 -10.22 -0.75 -9.34
CA ILE A 318 -10.22 -0.74 -9.39
C ILE A 318 -8.78 -1.23 -9.48
N TRP A 319 -7.91 -0.40 -10.05
CA TRP A 319 -6.55 -0.85 -10.38
C TRP A 319 -5.83 -1.47 -9.18
N TRP A 320 -5.88 -0.84 -8.01
CA TRP A 320 -5.07 -1.34 -6.92
C TRP A 320 -5.69 -2.59 -6.31
N VAL A 321 -7.01 -2.70 -6.38
CA VAL A 321 -7.68 -3.89 -5.87
C VAL A 321 -7.26 -5.11 -6.66
N GLU A 322 -7.18 -4.96 -7.98
CA GLU A 322 -6.79 -6.09 -8.80
C GLU A 322 -5.31 -6.44 -8.62
N ALA A 323 -4.47 -5.41 -8.47
CA ALA A 323 -3.04 -5.64 -8.20
C ALA A 323 -2.85 -6.44 -6.90
N GLU A 324 -3.54 -6.06 -5.83
CA GLU A 324 -3.39 -6.76 -4.55
C GLU A 324 -4.00 -8.16 -4.60
N THR A 325 -5.01 -8.34 -5.44
CA THR A 325 -5.61 -9.67 -5.63
C THR A 325 -4.61 -10.65 -6.25
N VAL A 326 -3.85 -10.20 -7.24
CA VAL A 326 -2.84 -11.04 -7.84
C VAL A 326 -1.82 -11.49 -6.78
N VAL A 327 -1.32 -10.55 -5.99
CA VAL A 327 -0.34 -10.92 -4.97
C VAL A 327 -0.96 -11.80 -3.89
N GLY A 328 -2.15 -11.45 -3.43
CA GLY A 328 -2.78 -12.18 -2.34
C GLY A 328 -3.13 -13.61 -2.70
N PHE A 329 -3.64 -13.79 -3.92
CA PHE A 329 -3.97 -15.13 -4.38
C PHE A 329 -2.69 -15.92 -4.72
N PHE A 330 -1.66 -15.26 -5.25
CA PHE A 330 -0.44 -16.01 -5.53
C PHE A 330 0.18 -16.48 -4.21
N ASN A 331 0.13 -15.63 -3.19
CA ASN A 331 0.64 -15.99 -1.87
C ASN A 331 -0.12 -17.19 -1.31
N ALA A 332 -1.43 -17.18 -1.46
CA ALA A 332 -2.24 -18.29 -0.97
C ALA A 332 -1.90 -19.59 -1.70
N TYR A 333 -1.64 -19.50 -3.00
CA TYR A 333 -1.15 -20.65 -3.75
C TYR A 333 0.16 -21.18 -3.19
N GLN A 334 1.09 -20.28 -2.90
CA GLN A 334 2.41 -20.69 -2.38
C GLN A 334 2.25 -21.44 -1.06
N LYS A 335 1.33 -20.99 -0.23
CA LYS A 335 1.14 -21.60 1.09
C LYS A 335 0.37 -22.92 1.04
N THR A 336 -0.53 -23.07 0.08
CA THR A 336 -1.43 -24.23 0.08
C THR A 336 -1.21 -25.22 -1.05
N LYS A 337 -0.55 -24.78 -2.12
CA LYS A 337 -0.43 -25.53 -3.37
C LYS A 337 -1.78 -25.83 -4.02
N GLU A 338 -2.83 -25.11 -3.60
CA GLU A 338 -4.12 -25.27 -4.26
C GLU A 338 -4.20 -24.43 -5.54
N GLU A 339 -4.36 -25.13 -6.66
CA GLU A 339 -4.33 -24.51 -7.98
C GLU A 339 -5.39 -23.44 -8.20
N LYS A 340 -6.51 -23.54 -7.49
CA LYS A 340 -7.57 -22.52 -7.63
C LYS A 340 -7.05 -21.12 -7.35
N TYR A 341 -6.10 -20.98 -6.43
CA TYR A 341 -5.55 -19.65 -6.12
C TYR A 341 -4.63 -19.17 -7.23
N LEU A 342 -3.84 -20.08 -7.79
CA LEU A 342 -2.96 -19.75 -8.89
C LEU A 342 -3.78 -19.33 -10.10
N ASP A 343 -4.82 -20.12 -10.39
CA ASP A 343 -5.70 -19.83 -11.51
CA ASP A 343 -5.70 -19.84 -11.51
C ASP A 343 -6.31 -18.44 -11.38
N ALA A 344 -6.80 -18.13 -10.19
CA ALA A 344 -7.40 -16.83 -9.93
C ALA A 344 -6.40 -15.67 -10.06
N ALA A 345 -5.19 -15.88 -9.58
CA ALA A 345 -4.14 -14.86 -9.70
C ALA A 345 -3.81 -14.56 -11.16
N ILE A 346 -3.57 -15.59 -11.96
CA ILE A 346 -3.23 -15.39 -13.36
C ILE A 346 -4.42 -14.85 -14.15
N LYS A 347 -5.64 -15.31 -13.85
CA LYS A 347 -6.81 -14.76 -14.54
CA LYS A 347 -6.84 -14.77 -14.49
C LYS A 347 -6.99 -13.28 -14.22
N THR A 348 -6.69 -12.88 -12.98
CA THR A 348 -6.83 -11.47 -12.62
C THR A 348 -5.79 -10.63 -13.35
N TRP A 349 -4.58 -11.16 -13.50
CA TRP A 349 -3.59 -10.47 -14.31
C TRP A 349 -4.03 -10.35 -15.77
N GLU A 350 -4.60 -11.42 -16.32
CA GLU A 350 -5.08 -11.36 -17.69
C GLU A 350 -6.19 -10.31 -17.82
N PHE A 351 -7.02 -10.19 -16.79
CA PHE A 351 -8.04 -9.14 -16.76
C PHE A 351 -7.38 -7.75 -16.77
N ILE A 352 -6.39 -7.55 -15.91
CA ILE A 352 -5.67 -6.27 -15.85
C ILE A 352 -5.09 -5.95 -17.23
N LYS A 353 -4.41 -6.92 -17.83
CA LYS A 353 -3.83 -6.75 -19.15
C LYS A 353 -4.85 -6.29 -20.20
N GLU A 354 -6.04 -6.88 -20.16
CA GLU A 354 -7.06 -6.60 -21.17
CA GLU A 354 -7.05 -6.60 -21.19
C GLU A 354 -7.85 -5.33 -20.91
N HIS A 355 -8.12 -5.03 -19.64
CA HIS A 355 -9.07 -3.96 -19.33
C HIS A 355 -8.53 -2.77 -18.54
N LEU A 356 -7.40 -2.93 -17.86
CA LEU A 356 -6.90 -1.82 -17.03
C LEU A 356 -5.58 -1.23 -17.53
N VAL A 357 -4.82 -1.99 -18.29
CA VAL A 357 -3.62 -1.41 -18.89
C VAL A 357 -4.06 -0.54 -20.07
N ASP A 358 -3.74 0.75 -19.98
CA ASP A 358 -4.16 1.72 -21.00
C ASP A 358 -3.52 1.39 -22.36
N ARG A 359 -4.35 1.35 -23.40
CA ARG A 359 -3.92 1.02 -24.75
CA ARG A 359 -3.84 1.00 -24.72
C ARG A 359 -3.29 2.22 -25.45
N ARG A 360 -3.57 3.41 -24.92
CA ARG A 360 -3.04 4.63 -25.51
C ARG A 360 -1.55 4.77 -25.24
N LYS A 361 -0.87 5.55 -26.07
CA LYS A 361 0.54 5.80 -25.88
C LYS A 361 0.77 6.71 -24.69
N ASN A 362 1.93 6.56 -24.05
CA ASN A 362 2.36 7.42 -22.97
C ASN A 362 1.42 7.37 -21.77
N SER A 363 0.90 6.18 -21.50
CA SER A 363 0.04 5.98 -20.35
C SER A 363 0.53 4.79 -19.52
N GLU A 364 -0.34 4.34 -18.63
CA GLU A 364 0.05 3.33 -17.64
C GLU A 364 -1.18 2.48 -17.38
N TRP A 365 -1.67 2.45 -16.14
CA TRP A 365 -2.92 1.74 -15.83
C TRP A 365 -4.07 2.72 -15.64
N LEU A 366 -5.25 2.33 -16.10
CA LEU A 366 -6.46 3.08 -15.77
C LEU A 366 -6.79 2.95 -14.30
N TRP A 367 -7.43 3.98 -13.73
CA TRP A 367 -7.86 3.95 -12.34
C TRP A 367 -8.88 2.82 -12.13
N LYS A 368 -9.85 2.75 -13.03
CA LYS A 368 -10.88 1.73 -12.90
C LYS A 368 -11.70 1.58 -14.17
N VAL A 369 -12.38 0.44 -14.28
CA VAL A 369 -13.48 0.33 -15.22
C VAL A 369 -14.73 0.03 -14.37
N ASN A 370 -15.90 0.32 -14.91
CA ASN A 370 -17.12 0.07 -14.17
C ASN A 370 -17.52 -1.39 -14.30
N GLU A 371 -18.66 -1.77 -13.75
CA GLU A 371 -19.03 -3.17 -13.69
C GLU A 371 -19.27 -3.76 -15.10
N ASP A 372 -19.48 -2.90 -16.08
CA ASP A 372 -19.63 -3.34 -17.48
C ASP A 372 -18.33 -3.26 -18.28
N LEU A 373 -17.23 -3.03 -17.56
CA LEU A 373 -15.87 -2.96 -18.12
C LEU A 373 -15.66 -1.75 -19.03
N GLU A 374 -16.45 -0.70 -18.82
CA GLU A 374 -16.26 0.56 -19.52
CA GLU A 374 -16.24 0.55 -19.53
C GLU A 374 -15.33 1.48 -18.73
N ALA A 375 -14.41 2.13 -19.42
CA ALA A 375 -13.53 3.07 -18.74
C ALA A 375 -14.33 4.25 -18.22
N VAL A 376 -13.92 4.72 -17.06
CA VAL A 376 -14.53 5.81 -16.34
C VAL A 376 -13.52 6.95 -16.37
N ASN A 377 -13.95 8.20 -16.55
CA ASN A 377 -12.98 9.31 -16.52
C ASN A 377 -12.42 9.50 -15.11
N MET A 378 -11.16 9.11 -14.94
CA MET A 378 -10.40 9.25 -13.70
C MET A 378 -8.94 9.47 -14.07
N PRO A 379 -8.19 10.19 -13.23
CA PRO A 379 -6.78 10.47 -13.58
C PRO A 379 -5.91 9.22 -13.60
N ILE A 380 -4.81 9.32 -14.33
CA ILE A 380 -3.78 8.28 -14.34
C ILE A 380 -2.80 8.48 -13.18
N VAL A 381 -2.56 9.74 -12.81
CA VAL A 381 -1.73 10.07 -11.66
C VAL A 381 -2.48 11.05 -10.77
N GLU A 382 -2.49 10.79 -9.47
CA GLU A 382 -3.18 11.65 -8.52
C GLU A 382 -2.57 11.39 -7.14
N GLN A 383 -2.91 12.20 -6.15
CA GLN A 383 -2.34 11.99 -4.83
C GLN A 383 -2.56 10.57 -4.33
N TRP A 384 -3.61 9.89 -4.81
CA TRP A 384 -3.88 8.53 -4.37
C TRP A 384 -3.66 7.48 -5.44
N LYS A 385 -3.14 7.87 -6.59
CA LYS A 385 -2.82 6.87 -7.62
C LYS A 385 -1.35 6.97 -8.01
N CYS A 386 -0.66 5.87 -7.74
CA CYS A 386 0.77 5.76 -7.51
C CYS A 386 1.36 4.60 -8.31
N PRO A 387 2.70 4.41 -8.28
CA PRO A 387 3.25 3.17 -8.85
C PRO A 387 3.39 2.05 -7.82
N TYR A 388 2.94 2.28 -6.58
CA TYR A 388 3.25 1.35 -5.50
C TYR A 388 2.43 0.05 -5.56
N HIS A 389 1.12 0.10 -5.73
CA HIS A 389 0.35 -1.15 -5.73
C HIS A 389 0.68 -2.03 -6.95
N ASN A 390 0.69 -1.42 -8.13
CA ASN A 390 0.91 -2.20 -9.35
C ASN A 390 2.38 -2.52 -9.54
N GLY A 391 3.27 -1.60 -9.17
CA GLY A 391 4.69 -1.89 -9.20
C GLY A 391 5.03 -3.01 -8.23
N ARG A 392 4.47 -2.94 -7.03
CA ARG A 392 4.76 -3.96 -6.04
C ARG A 392 4.22 -5.33 -6.47
N MET A 393 3.08 -5.35 -7.17
CA MET A 393 2.56 -6.61 -7.69
C MET A 393 3.62 -7.33 -8.54
N CYS A 394 4.22 -6.58 -9.46
CA CYS A 394 5.26 -7.11 -10.34
C CYS A 394 6.48 -7.54 -9.53
N LEU A 395 6.93 -6.67 -8.64
CA LEU A 395 8.13 -6.97 -7.85
C LEU A 395 7.94 -8.17 -6.92
N GLU A 396 6.75 -8.32 -6.32
CA GLU A 396 6.48 -9.47 -5.48
C GLU A 396 6.56 -10.79 -6.23
N ILE A 397 5.96 -10.85 -7.42
CA ILE A 397 6.03 -12.09 -8.18
C ILE A 397 7.48 -12.38 -8.60
N ILE A 398 8.21 -11.34 -8.98
CA ILE A 398 9.62 -11.51 -9.35
C ILE A 398 10.44 -12.09 -8.19
N LYS A 399 10.23 -11.56 -6.99
CA LYS A 399 10.88 -12.06 -5.78
C LYS A 399 10.50 -13.49 -5.43
N ARG A 400 9.21 -13.82 -5.59
CA ARG A 400 8.67 -15.08 -5.08
C ARG A 400 8.93 -16.28 -5.98
N VAL A 401 9.06 -16.04 -7.28
CA VAL A 401 9.27 -17.12 -8.24
C VAL A 401 10.76 -17.33 -8.50
N ASP A 402 11.27 -18.50 -8.13
CA ASP A 402 12.68 -18.84 -8.21
C ASP A 402 13.25 -18.78 -9.63
C1 IPA B . 12.44 17.49 -19.63
C2 IPA B . 11.41 16.62 -18.93
C3 IPA B . 11.74 15.15 -19.17
O2 IPA B . 11.39 16.89 -17.54
C1 IPA C . 10.05 -16.72 21.66
C2 IPA C . 10.56 -18.03 21.07
C3 IPA C . 9.51 -19.13 21.10
O2 IPA C . 10.85 -17.77 19.73
C1 EDO D . -1.56 12.45 1.58
O1 EDO D . -0.18 12.78 1.66
C2 EDO D . -2.28 13.45 0.69
O2 EDO D . -1.84 13.34 -0.66
C1 EDO E . -5.13 2.88 -1.94
O1 EDO E . -3.87 2.65 -1.30
C2 EDO E . -4.92 3.60 -3.26
O2 EDO E . -4.33 4.89 -3.02
C1 EDO F . 12.44 -5.44 -2.41
O1 EDO F . 12.93 -5.06 -1.12
C2 EDO F . 11.04 -4.92 -2.66
O2 EDO F . 10.11 -5.56 -1.76
C1 EDO G . 6.46 -10.86 22.86
O1 EDO G . 5.27 -11.48 22.35
C2 EDO G . 7.68 -11.22 22.01
O2 EDO G . 7.62 -12.60 21.59
#